data_4WCH
#
_entry.id   4WCH
#
_cell.length_a   53.110
_cell.length_b   63.150
_cell.length_c   78.386
_cell.angle_alpha   90.000
_cell.angle_beta   90.000
_cell.angle_gamma   90.000
#
_symmetry.space_group_name_H-M   'I 2 2 2'
#
loop_
_entity.id
_entity.type
_entity.pdbx_description
1 polymer 'Isolated Chain D of Gigant Hemoglobin from Glossoscolex Paulistus'
2 non-polymer 'PROTOPORPHYRIN IX CONTAINING FE'
3 non-polymer 'OXYGEN MOLECULE'
4 water water
#
_entity_poly.entity_id   1
_entity_poly.type   'polypeptide(L)'
_entity_poly.pdbx_seq_one_letter_code
;DCSILELLKVKNQWREAFGEGHHRVQFGLELWKRFFDTHPEVKGLFKGVNGDNIYSPEFAAHAERVLSGLDMTIGLLDDT
NAFKAQVTHLHSQHVERSINPEFYEHFLGALLHVLPKYLGTKLDQDAWTKCFHTIADGIK
;
_entity_poly.pdbx_strand_id   D
#
# COMPACT_ATOMS: atom_id res chain seq x y z
N ASP A 1 15.04 6.75 7.47
CA ASP A 1 14.71 6.41 8.86
C ASP A 1 14.15 5.00 8.99
N CYS A 2 14.00 4.30 7.87
CA CYS A 2 13.58 2.91 7.91
C CYS A 2 14.81 2.03 8.09
N SER A 3 15.15 1.76 9.35
CA SER A 3 16.36 1.01 9.66
C SER A 3 16.00 -0.41 10.09
N ILE A 4 17.01 -1.22 10.36
CA ILE A 4 16.83 -2.65 10.55
C ILE A 4 15.69 -2.95 11.52
N LEU A 5 15.62 -2.22 12.64
CA LEU A 5 14.63 -2.50 13.65
C LEU A 5 13.23 -2.24 13.13
N GLU A 6 13.06 -1.14 12.41
CA GLU A 6 11.75 -0.79 11.88
C GLU A 6 11.33 -1.75 10.78
N LEU A 7 12.24 -2.03 9.85
CA LEU A 7 11.89 -2.77 8.65
C LEU A 7 11.57 -4.23 8.99
N LEU A 8 12.18 -4.74 10.04
CA LEU A 8 11.91 -6.09 10.52
C LEU A 8 10.53 -6.15 11.17
N LYS A 9 10.20 -5.13 11.96
CA LYS A 9 8.88 -5.03 12.58
C LYS A 9 7.79 -5.00 11.51
N VAL A 10 7.97 -4.15 10.51
CA VAL A 10 6.98 -3.98 9.45
C VAL A 10 6.81 -5.28 8.64
N LYS A 11 7.91 -5.98 8.38
CA LYS A 11 7.84 -7.29 7.74
C LYS A 11 7.00 -8.28 8.53
N ASN A 12 7.32 -8.48 9.80
CA ASN A 12 6.54 -9.38 10.63
C ASN A 12 5.07 -9.00 10.68
N GLN A 13 4.79 -7.72 10.90
CA GLN A 13 3.41 -7.28 11.06
C GLN A 13 2.63 -7.35 9.76
N TRP A 14 3.29 -7.08 8.63
CA TRP A 14 2.62 -7.13 7.33
C TRP A 14 2.10 -8.51 7.05
N ARG A 15 2.94 -9.50 7.34
CA ARG A 15 2.53 -10.87 7.13
C ARG A 15 1.54 -11.37 8.19
N GLU A 16 1.59 -10.77 9.37
CA GLU A 16 0.66 -11.14 10.44
C GLU A 16 -0.79 -10.83 10.07
N ALA A 17 -1.00 -10.29 8.86
CA ALA A 17 -2.31 -10.32 8.22
C ALA A 17 -2.26 -10.09 6.69
N PHE A 18 -1.09 -10.30 6.10
CA PHE A 18 -0.98 -10.54 4.66
C PHE A 18 -1.37 -11.99 4.49
N GLY A 19 -2.50 -12.23 3.82
CA GLY A 19 -3.09 -13.56 3.81
C GLY A 19 -3.16 -14.15 2.41
N GLU A 20 -4.24 -14.87 2.16
CA GLU A 20 -4.54 -15.33 0.83
C GLU A 20 -6.06 -15.41 0.66
N GLY A 21 -6.51 -15.43 -0.59
CA GLY A 21 -7.92 -15.55 -0.89
C GLY A 21 -8.76 -14.40 -0.35
N HIS A 22 -9.94 -14.75 0.18
CA HIS A 22 -10.91 -13.75 0.63
C HIS A 22 -10.38 -12.81 1.72
N HIS A 23 -9.57 -13.34 2.64
CA HIS A 23 -8.98 -12.53 3.71
C HIS A 23 -8.27 -11.35 3.07
N ARG A 24 -7.47 -11.67 2.07
CA ARG A 24 -6.69 -10.70 1.32
C ARG A 24 -7.60 -9.68 0.62
N VAL A 25 -8.63 -10.19 -0.05
CA VAL A 25 -9.58 -9.35 -0.79
C VAL A 25 -10.21 -8.29 0.10
N GLN A 26 -10.74 -8.73 1.23
CA GLN A 26 -11.45 -7.83 2.12
C GLN A 26 -10.50 -6.72 2.55
N PHE A 27 -9.24 -7.05 2.80
CA PHE A 27 -8.27 -6.05 3.26
C PHE A 27 -8.12 -4.91 2.27
N GLY A 28 -7.75 -5.24 1.04
CA GLY A 28 -7.56 -4.24 0.01
C GLY A 28 -8.79 -3.38 -0.16
N LEU A 29 -9.94 -4.02 -0.01
CA LEU A 29 -11.23 -3.39 -0.20
C LEU A 29 -11.49 -2.33 0.87
N GLU A 30 -11.20 -2.67 2.11
CA GLU A 30 -11.35 -1.74 3.23
C GLU A 30 -10.34 -0.60 3.11
N LEU A 31 -9.17 -0.90 2.55
CA LEU A 31 -8.12 0.11 2.35
C LEU A 31 -8.58 1.16 1.32
N TRP A 32 -9.09 0.69 0.18
CA TRP A 32 -9.52 1.58 -0.91
C TRP A 32 -10.84 2.28 -0.61
N LYS A 33 -11.69 1.63 0.17
CA LYS A 33 -12.92 2.26 0.65
C LYS A 33 -12.58 3.46 1.53
N ARG A 34 -11.70 3.24 2.51
CA ARG A 34 -11.30 4.32 3.41
C ARG A 34 -10.64 5.47 2.65
N PHE A 35 -9.81 5.14 1.68
CA PHE A 35 -9.10 6.12 0.88
C PHE A 35 -10.08 6.95 0.04
N PHE A 36 -10.96 6.26 -0.67
CA PHE A 36 -11.97 6.90 -1.52
C PHE A 36 -12.99 7.70 -0.68
N ASP A 37 -13.16 7.29 0.56
CA ASP A 37 -14.04 7.99 1.50
C ASP A 37 -13.39 9.30 1.99
N THR A 38 -12.12 9.24 2.35
CA THR A 38 -11.43 10.44 2.84
C THR A 38 -11.07 11.38 1.70
N HIS A 39 -10.90 10.85 0.50
CA HIS A 39 -10.51 11.66 -0.65
C HIS A 39 -11.20 11.22 -1.92
N PRO A 40 -12.51 11.52 -2.00
CA PRO A 40 -13.35 11.20 -3.16
C PRO A 40 -12.71 11.62 -4.46
N GLU A 41 -12.03 12.76 -4.47
CA GLU A 41 -11.45 13.33 -5.69
C GLU A 41 -10.44 12.42 -6.36
N VAL A 42 -9.83 11.52 -5.59
CA VAL A 42 -8.78 10.66 -6.14
C VAL A 42 -9.33 9.60 -7.09
N LYS A 43 -10.64 9.36 -7.04
CA LYS A 43 -11.23 8.30 -7.85
C LYS A 43 -11.09 8.55 -9.35
N GLY A 44 -11.00 9.81 -9.75
CA GLY A 44 -10.81 10.14 -11.15
C GLY A 44 -9.62 9.44 -11.79
N LEU A 45 -8.60 9.13 -10.98
CA LEU A 45 -7.38 8.50 -11.47
C LEU A 45 -7.53 6.99 -11.71
N PHE A 46 -8.65 6.42 -11.31
CA PHE A 46 -8.82 4.97 -11.35
C PHE A 46 -9.91 4.47 -12.30
N LYS A 47 -10.22 5.27 -13.33
CA LYS A 47 -11.30 4.92 -14.26
C LYS A 47 -10.94 3.72 -15.12
N GLY A 48 -9.65 3.48 -15.31
CA GLY A 48 -9.19 2.35 -16.09
C GLY A 48 -9.41 1.01 -15.39
N VAL A 49 -9.69 1.08 -14.09
CA VAL A 49 -9.94 -0.12 -13.28
C VAL A 49 -11.28 0.01 -12.55
N ASN A 50 -12.16 0.86 -13.06
CA ASN A 50 -13.53 0.89 -12.58
C ASN A 50 -13.61 1.34 -11.12
N GLY A 51 -12.92 2.41 -10.79
CA GLY A 51 -12.87 2.92 -9.43
C GLY A 51 -14.23 3.27 -8.86
N ASP A 52 -15.18 3.61 -9.73
CA ASP A 52 -16.53 3.99 -9.28
C ASP A 52 -17.33 2.78 -8.82
N ASN A 53 -16.73 1.61 -8.92
CA ASN A 53 -17.40 0.39 -8.51
C ASN A 53 -16.39 -0.58 -7.93
N ILE A 54 -16.07 -0.41 -6.65
CA ILE A 54 -14.97 -1.17 -6.04
C ILE A 54 -15.27 -2.65 -5.85
N TYR A 55 -16.50 -3.06 -6.13
CA TYR A 55 -16.84 -4.48 -6.04
C TYR A 55 -16.77 -5.20 -7.38
N SER A 56 -16.51 -4.45 -8.45
CA SER A 56 -16.35 -5.07 -9.75
C SER A 56 -15.11 -5.96 -9.73
N PRO A 57 -15.17 -7.11 -10.43
CA PRO A 57 -13.98 -7.96 -10.55
C PRO A 57 -12.76 -7.19 -11.04
N GLU A 58 -12.98 -6.15 -11.85
CA GLU A 58 -11.90 -5.35 -12.41
C GLU A 58 -11.15 -4.56 -11.33
N PHE A 59 -11.87 -3.85 -10.48
CA PHE A 59 -11.22 -3.10 -9.42
C PHE A 59 -10.66 -4.04 -8.36
N ALA A 60 -11.33 -5.16 -8.13
CA ALA A 60 -10.85 -6.16 -7.20
C ALA A 60 -9.49 -6.70 -7.66
N ALA A 61 -9.32 -6.80 -8.97
CA ALA A 61 -8.04 -7.23 -9.55
C ALA A 61 -6.97 -6.19 -9.24
N HIS A 62 -7.33 -4.92 -9.44
CA HIS A 62 -6.41 -3.82 -9.19
C HIS A 62 -5.97 -3.84 -7.75
N ALA A 63 -6.94 -3.94 -6.84
CA ALA A 63 -6.67 -3.95 -5.41
C ALA A 63 -5.66 -5.05 -5.06
N GLU A 64 -5.84 -6.22 -5.67
CA GLU A 64 -4.98 -7.36 -5.37
C GLU A 64 -3.58 -7.13 -5.91
N ARG A 65 -3.49 -6.47 -7.06
CA ARG A 65 -2.20 -6.13 -7.65
C ARG A 65 -1.46 -5.16 -6.74
N VAL A 66 -2.19 -4.25 -6.09
CA VAL A 66 -1.56 -3.26 -5.23
C VAL A 66 -0.98 -3.91 -3.97
N LEU A 67 -1.75 -4.81 -3.36
CA LEU A 67 -1.27 -5.56 -2.21
C LEU A 67 -0.04 -6.41 -2.56
N SER A 68 -0.01 -6.96 -3.77
CA SER A 68 1.16 -7.74 -4.19
C SER A 68 2.40 -6.85 -4.30
N GLY A 69 2.23 -5.66 -4.86
CA GLY A 69 3.33 -4.73 -5.00
C GLY A 69 3.85 -4.33 -3.63
N LEU A 70 2.91 -4.08 -2.74
CA LEU A 70 3.23 -3.76 -1.36
C LEU A 70 4.00 -4.93 -0.74
N ASP A 71 3.50 -6.14 -0.93
CA ASP A 71 4.15 -7.34 -0.43
C ASP A 71 5.58 -7.48 -0.97
N MET A 72 5.78 -7.17 -2.24
CA MET A 72 7.09 -7.30 -2.88
C MET A 72 8.11 -6.32 -2.29
N THR A 73 7.73 -5.05 -2.19
CA THR A 73 8.63 -4.01 -1.70
C THR A 73 8.94 -4.18 -0.21
N ILE A 74 7.90 -4.37 0.61
CA ILE A 74 8.11 -4.59 2.04
C ILE A 74 9.11 -5.73 2.29
N GLY A 75 9.02 -6.78 1.48
CA GLY A 75 9.90 -7.92 1.60
C GLY A 75 11.34 -7.61 1.22
N LEU A 76 11.54 -6.54 0.48
CA LEU A 76 12.87 -6.18 -0.01
C LEU A 76 13.49 -5.01 0.77
N LEU A 77 12.92 -4.67 1.92
CA LEU A 77 13.41 -3.53 2.70
C LEU A 77 14.86 -3.69 3.17
N ASP A 78 15.28 -4.90 3.50
CA ASP A 78 16.65 -5.15 3.96
C ASP A 78 17.64 -5.39 2.82
N ASP A 79 17.14 -5.50 1.59
CA ASP A 79 17.99 -5.77 0.43
C ASP A 79 18.02 -4.57 -0.50
N THR A 80 18.98 -3.68 -0.27
CA THR A 80 18.97 -2.39 -0.91
C THR A 80 18.82 -2.48 -2.44
N ASN A 81 19.69 -3.22 -3.11
CA ASN A 81 19.69 -3.23 -4.57
C ASN A 81 18.46 -3.91 -5.18
N ALA A 82 17.97 -4.97 -4.54
CA ALA A 82 16.76 -5.64 -4.99
C ALA A 82 15.57 -4.68 -4.84
N PHE A 83 15.52 -4.02 -3.68
CA PHE A 83 14.51 -3.01 -3.42
C PHE A 83 14.52 -1.95 -4.51
N LYS A 84 15.70 -1.39 -4.80
CA LYS A 84 15.81 -0.32 -5.78
C LYS A 84 15.22 -0.76 -7.11
N ALA A 85 15.58 -1.97 -7.53
CA ALA A 85 15.10 -2.48 -8.81
C ALA A 85 13.57 -2.49 -8.88
N GLN A 86 12.93 -2.95 -7.81
CA GLN A 86 11.49 -3.12 -7.81
C GLN A 86 10.73 -1.78 -7.74
N VAL A 87 11.12 -0.90 -6.83
CA VAL A 87 10.43 0.40 -6.75
C VAL A 87 10.60 1.20 -8.05
N THR A 88 11.76 1.09 -8.68
CA THR A 88 11.98 1.77 -9.96
C THR A 88 10.92 1.27 -10.94
N HIS A 89 10.61 -0.02 -10.88
CA HIS A 89 9.57 -0.59 -11.72
C HIS A 89 8.23 0.01 -11.33
N LEU A 90 7.96 0.10 -10.03
CA LEU A 90 6.73 0.74 -9.57
C LEU A 90 6.67 2.19 -10.01
N HIS A 91 7.81 2.88 -9.96
CA HIS A 91 7.91 4.27 -10.41
C HIS A 91 7.43 4.39 -11.87
N SER A 92 7.92 3.49 -12.72
CA SER A 92 7.51 3.48 -14.11
C SER A 92 5.99 3.39 -14.25
N GLN A 93 5.36 2.64 -13.36
CA GLN A 93 3.94 2.34 -13.47
C GLN A 93 3.05 3.45 -12.91
N HIS A 94 3.65 4.45 -12.29
CA HIS A 94 2.90 5.56 -11.72
C HIS A 94 3.24 6.91 -12.36
N VAL A 95 4.29 6.96 -13.17
CA VAL A 95 4.93 8.22 -13.54
C VAL A 95 4.17 9.16 -14.49
N GLU A 96 3.44 8.62 -15.47
CA GLU A 96 2.68 9.48 -16.39
C GLU A 96 1.18 9.50 -16.09
N ARG A 97 0.83 9.38 -14.81
CA ARG A 97 -0.57 9.35 -14.41
C ARG A 97 -0.98 10.59 -13.64
N SER A 98 -0.08 11.56 -13.57
CA SER A 98 -0.38 12.84 -12.96
C SER A 98 -0.93 12.65 -11.55
N ILE A 99 -0.21 11.86 -10.76
CA ILE A 99 -0.58 11.66 -9.38
C ILE A 99 0.02 12.76 -8.53
N ASN A 100 -0.83 13.57 -7.92
CA ASN A 100 -0.35 14.56 -6.96
C ASN A 100 0.29 13.83 -5.79
N PRO A 101 1.58 14.12 -5.54
CA PRO A 101 2.35 13.41 -4.50
C PRO A 101 1.77 13.44 -3.09
N GLU A 102 0.88 14.38 -2.75
CA GLU A 102 0.34 14.38 -1.41
C GLU A 102 -0.57 13.17 -1.23
N PHE A 103 -1.07 12.63 -2.34
CA PHE A 103 -1.94 11.47 -2.27
C PHE A 103 -1.27 10.31 -1.52
N TYR A 104 0.05 10.18 -1.61
CA TYR A 104 0.75 9.08 -0.95
C TYR A 104 0.62 9.16 0.57
N GLU A 105 0.57 10.38 1.09
CA GLU A 105 0.38 10.57 2.52
C GLU A 105 -1.01 10.10 2.94
N HIS A 106 -1.98 10.32 2.06
CA HIS A 106 -3.36 9.93 2.34
C HIS A 106 -3.55 8.43 2.20
N PHE A 107 -2.79 7.81 1.29
CA PHE A 107 -2.83 6.38 1.15
C PHE A 107 -2.30 5.77 2.45
N LEU A 108 -1.19 6.30 2.93
CA LEU A 108 -0.64 5.89 4.22
C LEU A 108 -1.68 6.06 5.33
N GLY A 109 -2.36 7.20 5.33
CA GLY A 109 -3.39 7.46 6.32
C GLY A 109 -4.46 6.38 6.33
N ALA A 110 -4.91 5.97 5.15
CA ALA A 110 -5.90 4.91 5.03
C ALA A 110 -5.33 3.61 5.59
N LEU A 111 -4.13 3.26 5.15
CA LEU A 111 -3.51 2.00 5.55
C LEU A 111 -3.38 1.90 7.08
N LEU A 112 -3.01 3.00 7.73
CA LEU A 112 -2.85 2.98 9.18
C LEU A 112 -4.21 2.89 9.87
N HIS A 113 -5.26 3.36 9.20
CA HIS A 113 -6.60 3.30 9.76
C HIS A 113 -7.17 1.88 9.78
N VAL A 114 -6.82 1.06 8.79
CA VAL A 114 -7.41 -0.26 8.65
C VAL A 114 -6.53 -1.37 9.26
N LEU A 115 -5.25 -1.11 9.45
CA LEU A 115 -4.34 -2.13 9.99
C LEU A 115 -4.69 -2.59 11.41
N PRO A 116 -5.19 -1.68 12.27
CA PRO A 116 -5.55 -2.13 13.61
C PRO A 116 -6.48 -3.35 13.64
N LYS A 117 -7.31 -3.51 12.62
CA LYS A 117 -8.28 -4.60 12.59
C LYS A 117 -7.61 -5.97 12.47
N TYR A 118 -6.39 -6.00 11.92
CA TYR A 118 -5.67 -7.25 11.79
C TYR A 118 -4.47 -7.36 12.73
N LEU A 119 -4.05 -6.24 13.31
CA LEU A 119 -2.91 -6.25 14.22
C LEU A 119 -3.30 -5.93 15.66
N GLY A 120 -4.52 -5.44 15.85
CA GLY A 120 -4.97 -5.04 17.18
C GLY A 120 -4.15 -3.90 17.72
N THR A 121 -3.84 -3.95 19.01
CA THR A 121 -3.16 -2.85 19.69
C THR A 121 -1.66 -2.79 19.38
N LYS A 122 -1.16 -3.78 18.66
CA LYS A 122 0.28 -3.95 18.47
C LYS A 122 0.85 -3.12 17.30
N LEU A 123 -0.01 -2.52 16.49
CA LEU A 123 0.44 -1.81 15.31
C LEU A 123 1.51 -0.80 15.69
N ASP A 124 2.64 -0.83 15.01
CA ASP A 124 3.73 0.10 15.27
C ASP A 124 3.73 1.22 14.25
N GLN A 125 2.96 2.27 14.52
CA GLN A 125 2.71 3.29 13.53
C GLN A 125 3.99 4.01 13.08
N ASP A 126 4.91 4.22 14.01
CA ASP A 126 6.16 4.89 13.71
C ASP A 126 6.97 4.09 12.70
N ALA A 127 7.21 2.82 13.00
CA ALA A 127 7.94 1.96 12.07
C ALA A 127 7.23 1.92 10.72
N TRP A 128 5.90 1.86 10.74
CA TRP A 128 5.14 1.76 9.49
C TRP A 128 5.26 3.05 8.68
N THR A 129 5.19 4.18 9.37
CA THR A 129 5.30 5.47 8.70
C THR A 129 6.66 5.67 8.03
N LYS A 130 7.73 5.36 8.76
CA LYS A 130 9.07 5.52 8.24
C LYS A 130 9.33 4.64 7.01
N CYS A 131 8.92 3.38 7.08
CA CYS A 131 9.21 2.44 5.99
C CYS A 131 8.31 2.66 4.77
N PHE A 132 7.06 3.02 4.99
CA PHE A 132 6.19 3.41 3.89
C PHE A 132 6.77 4.58 3.09
N HIS A 133 7.30 5.58 3.80
CA HIS A 133 7.90 6.74 3.15
C HIS A 133 9.11 6.38 2.28
N THR A 134 9.83 5.34 2.66
CA THR A 134 10.92 4.84 1.83
C THR A 134 10.33 4.30 0.52
N ILE A 135 9.25 3.56 0.63
CA ILE A 135 8.61 2.96 -0.53
C ILE A 135 8.02 4.04 -1.44
N ALA A 136 7.28 4.98 -0.83
CA ALA A 136 6.66 6.07 -1.57
C ALA A 136 7.70 6.94 -2.28
N ASP A 137 8.81 7.23 -1.61
CA ASP A 137 9.89 8.01 -2.23
C ASP A 137 10.36 7.31 -3.49
N GLY A 138 10.55 6.00 -3.39
CA GLY A 138 10.94 5.20 -4.54
C GLY A 138 9.94 5.32 -5.68
N ILE A 139 8.67 5.14 -5.37
CA ILE A 139 7.63 5.20 -6.40
C ILE A 139 7.58 6.57 -7.07
N LYS A 140 7.65 7.62 -6.25
CA LYS A 140 7.69 8.99 -6.78
C LYS A 140 9.00 9.24 -7.50
#